data_3T65
#
_entry.id   3T65
#
_cell.length_a   45.900
_cell.length_b   81.600
_cell.length_c   131.500
_cell.angle_alpha   90.000
_cell.angle_beta   90.000
_cell.angle_gamma   90.000
#
_symmetry.space_group_name_H-M   'P 21 21 21'
#
loop_
_entity.id
_entity.type
_entity.pdbx_description
1 polymer 'S25-2 FAB (IGG1K) heavy chain'
2 polymer 'S25-2 FAB (IGG1K) light chain'
3 branched '3-deoxy-alpha-D-manno-oct-2-ulopyranosonic acid-(2-8)-prop-2-en-1-yl 3-deoxy-alpha-D-manno-oct-2-ulopyranosidonic acid'
4 non-polymer 'MAGNESIUM ION'
5 non-polymer 'ZINC ION'
6 water water
#
loop_
_entity_poly.entity_id
_entity_poly.type
_entity_poly.pdbx_seq_one_letter_code
_entity_poly.pdbx_strand_id
1 'polypeptide(L)'
;EVKLVESGGGLVQSGGSLRLSCATSGFTFTDYYMSWVRQPPGKALEWLGFIRNKANGYTTEYSPSVKGRFTISRDNSQSI
LYLQMNTLRAEDSATYYCARDHDGYYERFSYWGQGTLVTVSAAKTTPPSVYPLAPGSAAQTNSMVTLGCLVKGYFPEPVT
VTWNSGSLSSGVHTFPAVLQSDLYTLSSSVTVPSSTWPSETVTCNVAHPASSTKVDKKIVPR
;
B
2 'polypeptide(L)'
;DIVMSQSPSSLAVSAGEKVTMSCKSSQSLLNSRTRKNYLAWYQQKPGQSPKLLIYWASTRESGVPDRFTGSGSGTDFTLT
ITSVQAEDLAVYYCKQSYNLRTFGGGTKLEIKRADAAPTVSIFPPSSEQLTSGGASVVCFLNNFYPKDINVKWKIDGSER
QNGVLNSWTDQDSKDSTYSMSSTLTLTKDEYERHNSYTCEATHKTSTSPIVKSFNRNEC
;
A
#
loop_
_chem_comp.id
_chem_comp.type
_chem_comp.name
_chem_comp.formula
KDA D-saccharide 'prop-2-en-1-yl 3-deoxy-alpha-D-manno-oct-2-ulopyranosidonic acid' 'C11 H18 O8'
KDO D-saccharide, alpha linking '3-deoxy-alpha-D-manno-oct-2-ulopyranosonic acid' 'C8 H14 O8'
MG non-polymer 'MAGNESIUM ION' 'Mg 2'
ZN non-polymer 'ZINC ION' 'Zn 2'
#
# COMPACT_ATOMS: atom_id res chain seq x y z
N GLU A 1 -14.70 18.03 11.05
CA GLU A 1 -13.99 16.91 10.45
C GLU A 1 -13.14 16.18 11.50
N VAL A 2 -13.38 14.87 11.64
CA VAL A 2 -12.54 14.07 12.53
C VAL A 2 -11.19 13.82 11.88
N LYS A 3 -10.11 14.07 12.63
CA LYS A 3 -8.77 13.78 12.12
C LYS A 3 -7.99 12.99 13.15
N LEU A 4 -7.28 11.97 12.65
CA LEU A 4 -6.32 11.20 13.44
C LEU A 4 -5.04 11.16 12.64
N VAL A 5 -3.94 11.60 13.23
CA VAL A 5 -2.67 11.64 12.50
C VAL A 5 -1.57 11.06 13.36
N GLU A 6 -1.07 9.89 12.96
CA GLU A 6 0.05 9.27 13.65
C GLU A 6 1.36 9.91 13.25
N SER A 7 2.32 9.88 14.17
CA SER A 7 3.69 10.31 13.94
C SER A 7 4.64 9.45 14.77
N GLY A 8 5.92 9.46 14.40
CA GLY A 8 6.94 8.86 15.21
C GLY A 8 7.57 7.62 14.62
N GLY A 9 6.96 7.09 13.57
CA GLY A 9 7.49 5.92 12.90
C GLY A 9 8.86 6.17 12.30
N GLY A 10 9.62 5.09 12.13
CA GLY A 10 10.92 5.18 11.49
C GLY A 10 11.75 3.96 11.80
N LEU A 11 13.06 4.11 11.61
CA LEU A 11 14.01 3.01 11.78
C LEU A 11 14.53 2.98 13.21
N VAL A 12 14.50 1.78 13.80
CA VAL A 12 15.03 1.59 15.15
C VAL A 12 15.73 0.23 15.18
N GLN A 13 16.75 0.10 16.01
CA GLN A 13 17.50 -1.14 16.10
C GLN A 13 16.80 -2.15 17.01
N SER A 14 17.00 -3.45 16.74
CA SER A 14 16.43 -4.48 17.60
C SER A 14 16.89 -4.24 19.03
N GLY A 15 15.96 -4.39 19.97
CA GLY A 15 16.24 -4.16 21.37
C GLY A 15 15.91 -2.74 21.80
N GLY A 16 15.73 -1.87 20.82
CA GLY A 16 15.50 -0.46 21.11
C GLY A 16 14.06 -0.13 21.45
N SER A 17 13.81 1.15 21.73
CA SER A 17 12.48 1.63 22.08
C SER A 17 12.08 2.72 21.11
N LEU A 18 10.78 2.97 21.03
CA LEU A 18 10.24 3.99 20.15
C LEU A 18 8.86 4.35 20.66
N ARG A 19 8.54 5.64 20.65
CA ARG A 19 7.22 6.09 21.07
C ARG A 19 6.50 6.75 19.89
N LEU A 20 5.28 6.29 19.63
CA LEU A 20 4.45 6.86 18.59
C LEU A 20 3.42 7.81 19.18
N SER A 21 3.00 8.79 18.39
CA SER A 21 1.93 9.70 18.82
C SER A 21 0.81 9.69 17.82
N CYS A 22 -0.37 10.11 18.27
CA CYS A 22 -1.52 10.21 17.39
C CYS A 22 -2.30 11.45 17.80
N ALA A 23 -2.20 12.47 16.96
CA ALA A 23 -2.87 13.75 17.22
C ALA A 23 -4.30 13.67 16.73
N THR A 24 -5.24 14.10 17.54
CA THR A 24 -6.64 13.97 17.16
C THR A 24 -7.37 15.30 17.23
N SER A 25 -8.42 15.44 16.42
CA SER A 25 -9.31 16.58 16.52
C SER A 25 -10.67 16.26 15.93
N GLY A 26 -11.66 17.09 16.23
CA GLY A 26 -12.96 16.97 15.60
C GLY A 26 -13.97 16.12 16.34
N PHE A 27 -13.61 15.69 17.55
CA PHE A 27 -14.53 14.97 18.42
C PHE A 27 -14.10 15.15 19.88
N THR A 28 -15.00 14.86 20.81
CA THR A 28 -14.70 14.99 22.23
C THR A 28 -13.83 13.82 22.69
N PHE A 29 -12.52 14.05 22.65
CA PHE A 29 -11.51 13.02 22.89
C PHE A 29 -11.76 12.21 24.15
N THR A 30 -12.04 12.87 25.27
CA THR A 30 -12.15 12.16 26.54
C THR A 30 -13.34 11.21 26.60
N ASP A 31 -14.29 11.38 25.68
CA ASP A 31 -15.48 10.54 25.63
C ASP A 31 -15.15 9.15 25.07
N TYR A 32 -13.98 9.01 24.45
CA TYR A 32 -13.67 7.81 23.67
C TYR A 32 -12.51 6.98 24.19
N TYR A 33 -12.73 5.66 24.16
CA TYR A 33 -11.62 4.72 24.18
C TYR A 33 -10.83 4.96 22.89
N MET A 34 -9.52 4.73 22.95
CA MET A 34 -8.68 4.78 21.75
C MET A 34 -7.85 3.51 21.65
N SER A 35 -7.78 2.94 20.45
CA SER A 35 -6.99 1.73 20.20
C SER A 35 -5.78 1.96 19.30
N TRP A 36 -4.79 1.08 19.45
CA TRP A 36 -3.70 0.96 18.50
C TRP A 36 -3.81 -0.40 17.81
N VAL A 37 -3.57 -0.40 16.49
CA VAL A 37 -3.65 -1.59 15.65
C VAL A 37 -2.44 -1.56 14.75
N ARG A 38 -1.83 -2.71 14.46
CA ARG A 38 -0.68 -2.69 13.55
C ARG A 38 -0.86 -3.67 12.41
N GLN A 39 -0.02 -3.52 11.39
CA GLN A 39 -0.11 -4.35 10.19
C GLN A 39 1.26 -4.51 9.57
N PRO A 40 1.87 -5.70 9.71
CA PRO A 40 3.12 -5.93 8.98
C PRO A 40 2.85 -5.84 7.49
N PRO A 41 3.84 -5.41 6.70
CA PRO A 41 3.65 -5.29 5.25
C PRO A 41 3.04 -6.56 4.64
N GLY A 42 1.90 -6.40 3.96
CA GLY A 42 1.23 -7.51 3.30
C GLY A 42 0.52 -8.52 4.19
N LYS A 43 0.40 -8.22 5.48
CA LYS A 43 -0.23 -9.13 6.42
C LYS A 43 -1.50 -8.55 7.05
N ALA A 44 -2.09 -9.29 7.99
CA ALA A 44 -3.36 -8.90 8.59
C ALA A 44 -3.21 -7.82 9.66
N LEU A 45 -4.31 -7.13 9.92
CA LEU A 45 -4.39 -6.24 11.08
C LEU A 45 -4.29 -7.01 12.40
N GLU A 46 -3.61 -6.40 13.38
CA GLU A 46 -3.50 -6.96 14.71
C GLU A 46 -3.80 -5.90 15.76
N TRP A 47 -4.85 -6.12 16.55
CA TRP A 47 -5.19 -5.20 17.62
C TRP A 47 -4.16 -5.32 18.74
N LEU A 48 -3.65 -4.17 19.20
CA LEU A 48 -2.58 -4.15 20.21
C LEU A 48 -3.06 -3.82 21.62
N GLY A 49 -4.01 -2.91 21.73
CA GLY A 49 -4.44 -2.45 23.04
C GLY A 49 -5.33 -1.24 22.95
N PHE A 50 -5.96 -0.91 24.08
CA PHE A 50 -6.73 0.32 24.16
C PHE A 50 -6.51 1.06 25.46
N ILE A 51 -6.90 2.32 25.47
CA ILE A 51 -7.02 3.07 26.71
C ILE A 51 -8.46 3.57 26.78
N ARG A 52 -9.07 3.37 27.94
CA ARG A 52 -10.49 3.68 28.08
C ARG A 52 -10.74 5.17 28.20
N ASN A 53 -12.01 5.55 28.14
CA ASN A 53 -12.43 6.94 28.26
C ASN A 53 -12.44 7.45 29.72
N LYS A 54 -12.80 8.71 29.89
CA LYS A 54 -12.79 9.35 31.20
C LYS A 54 -13.76 8.64 32.15
N ALA A 55 -14.93 8.26 31.64
CA ALA A 55 -15.92 7.59 32.48
C ALA A 55 -15.38 6.29 33.07
N ASN A 56 -14.45 5.65 32.37
CA ASN A 56 -13.86 4.41 32.83
C ASN A 56 -12.43 4.56 33.34
N GLY A 57 -12.06 5.78 33.71
CA GLY A 57 -10.82 6.04 34.42
C GLY A 57 -9.57 5.94 33.59
N TYR A 58 -9.73 5.95 32.27
CA TYR A 58 -8.59 5.96 31.36
C TYR A 58 -7.67 4.74 31.60
N THR A 59 -8.26 3.60 31.97
CA THR A 59 -7.47 2.40 32.21
C THR A 59 -7.09 1.72 30.90
N THR A 60 -6.05 0.90 30.93
CA THR A 60 -5.51 0.31 29.72
C THR A 60 -5.70 -1.21 29.67
N GLU A 61 -5.79 -1.76 28.45
CA GLU A 61 -5.73 -3.20 28.25
C GLU A 61 -4.87 -3.49 27.02
N TYR A 62 -4.28 -4.69 26.96
CA TYR A 62 -3.34 -5.05 25.90
C TYR A 62 -3.57 -6.46 25.41
N SER A 63 -3.22 -6.67 24.15
CA SER A 63 -3.17 -8.01 23.60
C SER A 63 -2.06 -8.77 24.31
N PRO A 64 -2.24 -10.08 24.50
CA PRO A 64 -1.15 -10.86 25.09
C PRO A 64 0.13 -10.72 24.29
N SER A 65 0.01 -10.42 23.00
CA SER A 65 1.21 -10.33 22.14
C SER A 65 2.17 -9.21 22.53
N VAL A 66 1.68 -8.19 23.24
CA VAL A 66 2.53 -7.04 23.58
C VAL A 66 2.40 -6.61 25.04
N LYS A 67 1.50 -7.23 25.78
CA LYS A 67 1.36 -6.88 27.19
C LYS A 67 2.68 -7.02 27.94
N GLY A 68 3.05 -5.97 28.67
CA GLY A 68 4.28 -5.95 29.44
C GLY A 68 5.44 -5.29 28.73
N ARG A 69 5.24 -5.00 27.44
CA ARG A 69 6.29 -4.48 26.59
C ARG A 69 5.88 -3.15 25.90
N PHE A 70 4.59 -3.00 25.63
CA PHE A 70 4.05 -1.77 25.06
C PHE A 70 3.17 -1.10 26.10
N THR A 71 3.22 0.22 26.15
CA THR A 71 2.37 1.00 27.05
C THR A 71 1.61 2.11 26.32
N ILE A 72 0.31 2.21 26.56
CA ILE A 72 -0.51 3.25 25.96
C ILE A 72 -0.80 4.36 26.98
N SER A 73 -0.74 5.60 26.52
CA SER A 73 -1.13 6.72 27.38
C SER A 73 -1.80 7.80 26.55
N ARG A 74 -2.33 8.82 27.21
CA ARG A 74 -3.06 9.87 26.49
C ARG A 74 -2.89 11.21 27.19
N ASP A 75 -2.84 12.26 26.38
CA ASP A 75 -2.84 13.64 26.90
C ASP A 75 -4.23 14.20 26.63
N ASN A 76 -5.02 14.34 27.69
CA ASN A 76 -6.40 14.77 27.55
C ASN A 76 -6.57 16.28 27.44
N SER A 77 -5.49 17.02 27.63
CA SER A 77 -5.51 18.46 27.46
C SER A 77 -5.28 18.85 26.00
N GLN A 78 -4.54 18.03 25.26
CA GLN A 78 -4.21 18.31 23.86
C GLN A 78 -4.80 17.29 22.89
N SER A 79 -5.50 16.29 23.43
CA SER A 79 -6.14 15.25 22.62
C SER A 79 -5.15 14.41 21.81
N ILE A 80 -4.07 13.99 22.45
CA ILE A 80 -3.04 13.18 21.79
C ILE A 80 -2.97 11.80 22.46
N LEU A 81 -2.86 10.76 21.62
CA LEU A 81 -2.69 9.40 22.08
C LEU A 81 -1.24 8.95 21.85
N TYR A 82 -0.71 8.15 22.76
CA TYR A 82 0.66 7.67 22.67
C TYR A 82 0.76 6.16 22.76
N LEU A 83 1.78 5.60 22.11
CA LEU A 83 2.14 4.19 22.24
C LEU A 83 3.64 4.10 22.44
N GLN A 84 4.04 3.70 23.64
CA GLN A 84 5.45 3.43 23.94
C GLN A 84 5.77 1.97 23.69
N MET A 85 6.75 1.71 22.83
CA MET A 85 7.17 0.36 22.50
C MET A 85 8.57 0.10 23.00
N ASN A 86 8.77 -1.03 23.66
CA ASN A 86 10.08 -1.39 24.18
C ASN A 86 10.57 -2.71 23.67
N THR A 87 11.88 -2.93 23.78
CA THR A 87 12.52 -4.17 23.38
C THR A 87 12.02 -4.64 22.00
N LEU A 88 12.12 -3.74 21.03
CA LEU A 88 11.57 -3.99 19.70
C LEU A 88 12.30 -5.12 18.98
N ARG A 89 11.58 -5.89 18.20
CA ARG A 89 12.18 -6.95 17.39
C ARG A 89 11.65 -6.88 15.96
N ALA A 90 12.25 -7.65 15.04
CA ALA A 90 11.87 -7.58 13.64
C ALA A 90 10.37 -7.78 13.41
N GLU A 91 9.76 -8.63 14.22
CA GLU A 91 8.32 -8.92 14.12
C GLU A 91 7.44 -7.69 14.44
N ASP A 92 8.06 -6.68 15.02
CA ASP A 92 7.34 -5.44 15.33
C ASP A 92 7.35 -4.47 14.16
N SER A 93 8.08 -4.80 13.09
CA SER A 93 8.07 -3.96 11.90
C SER A 93 6.69 -4.01 11.28
N ALA A 94 6.06 -2.84 11.14
CA ALA A 94 4.66 -2.78 10.76
C ALA A 94 4.23 -1.34 10.60
N THR A 95 3.10 -1.15 9.92
CA THR A 95 2.38 0.11 9.98
C THR A 95 1.53 0.13 11.23
N TYR A 96 1.67 1.20 12.02
CA TYR A 96 0.90 1.38 13.25
C TYR A 96 -0.20 2.42 13.05
N TYR A 97 -1.43 2.02 13.36
CA TYR A 97 -2.61 2.87 13.25
C TYR A 97 -3.19 3.18 14.62
N CYS A 98 -3.57 4.42 14.83
CA CYS A 98 -4.49 4.71 15.92
C CYS A 98 -5.92 4.71 15.38
N ALA A 99 -6.85 4.26 16.22
CA ALA A 99 -8.25 4.18 15.83
C ALA A 99 -9.12 4.66 16.97
N ARG A 100 -10.13 5.44 16.64
CA ARG A 100 -11.13 5.82 17.64
C ARG A 100 -12.00 4.60 17.96
N ASP A 101 -12.24 4.35 19.25
CA ASP A 101 -12.87 3.11 19.69
C ASP A 101 -14.18 3.47 20.41
N HIS A 102 -14.56 2.67 21.39
CA HIS A 102 -15.83 2.72 22.14
C HIS A 102 -16.10 4.06 22.85
N ASP A 103 -17.35 4.48 22.83
CA ASP A 103 -17.78 5.67 23.57
C ASP A 103 -18.71 5.32 24.72
N GLY A 104 -18.75 4.06 25.09
CA GLY A 104 -19.58 3.61 26.19
C GLY A 104 -20.82 2.93 25.65
N TYR A 105 -21.14 3.21 24.40
CA TYR A 105 -22.28 2.60 23.74
C TYR A 105 -21.92 1.86 22.45
N TYR A 106 -21.55 2.60 21.42
CA TYR A 106 -21.31 2.02 20.09
C TYR A 106 -20.13 1.04 20.08
N GLU A 107 -20.33 -0.10 19.41
CA GLU A 107 -19.24 -1.05 19.19
C GLU A 107 -18.74 -0.94 17.76
N ARG A 108 -17.68 -0.15 17.58
CA ARG A 108 -17.10 0.14 16.27
C ARG A 108 -15.81 0.94 16.47
N PHE A 109 -14.91 0.83 15.49
CA PHE A 109 -13.81 1.79 15.35
C PHE A 109 -14.22 2.76 14.24
N SER A 110 -14.66 3.96 14.61
CA SER A 110 -15.26 4.86 13.62
C SER A 110 -14.25 5.45 12.64
N TYR A 111 -13.04 5.74 13.13
CA TYR A 111 -12.02 6.47 12.39
C TYR A 111 -10.64 5.89 12.66
N TRP A 112 -9.80 5.95 11.65
CA TRP A 112 -8.43 5.44 11.69
C TRP A 112 -7.50 6.51 11.13
N GLY A 113 -6.29 6.59 11.66
CA GLY A 113 -5.29 7.48 11.09
C GLY A 113 -4.71 6.92 9.80
N GLN A 114 -3.77 7.64 9.21
CA GLN A 114 -3.12 7.20 7.97
C GLN A 114 -2.06 6.13 8.21
N GLY A 115 -1.64 5.99 9.46
CA GLY A 115 -0.64 5.02 9.85
C GLY A 115 0.79 5.53 9.75
N THR A 116 1.64 5.03 10.63
CA THR A 116 3.06 5.37 10.62
C THR A 116 3.89 4.08 10.58
N LEU A 117 4.88 4.02 9.70
CA LEU A 117 5.61 2.77 9.47
C LEU A 117 6.85 2.67 10.35
N VAL A 118 6.96 1.57 11.08
CA VAL A 118 8.10 1.28 11.94
C VAL A 118 8.91 0.15 11.32
N THR A 119 10.21 0.37 11.19
CA THR A 119 11.14 -0.64 10.70
C THR A 119 12.17 -0.96 11.77
N VAL A 120 12.21 -2.22 12.19
CA VAL A 120 13.22 -2.66 13.14
C VAL A 120 14.33 -3.38 12.38
N SER A 121 15.51 -2.77 12.34
CA SER A 121 16.61 -3.29 11.53
C SER A 121 17.92 -2.69 11.97
N ALA A 122 19.01 -3.39 11.63
CA ALA A 122 20.35 -2.93 11.93
C ALA A 122 20.95 -2.15 10.76
N ALA A 123 20.25 -2.15 9.63
CA ALA A 123 20.75 -1.46 8.44
C ALA A 123 20.71 0.05 8.65
N LYS A 124 21.59 0.77 7.95
CA LYS A 124 21.64 2.21 8.14
C LYS A 124 20.68 2.93 7.21
N THR A 125 20.33 4.14 7.59
CA THR A 125 19.53 5.03 6.75
C THR A 125 20.31 5.45 5.52
N THR A 126 19.74 5.22 4.35
CA THR A 126 20.36 5.59 3.08
C THR A 126 19.34 6.37 2.25
N PRO A 127 19.67 7.59 1.83
CA PRO A 127 18.74 8.35 1.00
C PRO A 127 18.70 7.80 -0.42
N PRO A 128 17.59 8.03 -1.12
CA PRO A 128 17.45 7.50 -2.49
C PRO A 128 18.25 8.33 -3.48
N SER A 129 18.63 7.68 -4.58
CA SER A 129 19.02 8.41 -5.78
C SER A 129 17.75 8.48 -6.61
N VAL A 130 17.46 9.62 -7.19
CA VAL A 130 16.24 9.79 -7.97
C VAL A 130 16.63 10.12 -9.40
N TYR A 131 16.23 9.27 -10.33
CA TYR A 131 16.61 9.46 -11.72
C TYR A 131 15.39 9.62 -12.61
N PRO A 132 15.48 10.50 -13.60
CA PRO A 132 14.35 10.72 -14.48
C PRO A 132 14.25 9.61 -15.52
N LEU A 133 13.03 9.30 -15.91
CA LEU A 133 12.78 8.33 -16.97
C LEU A 133 12.11 9.05 -18.13
N ALA A 134 12.92 9.37 -19.14
CA ALA A 134 12.43 10.01 -20.36
C ALA A 134 12.59 9.04 -21.53
N PRO A 135 11.68 9.12 -22.50
CA PRO A 135 11.80 8.26 -23.68
C PRO A 135 13.14 8.47 -24.40
N GLY A 136 13.73 7.39 -24.87
CA GLY A 136 14.96 7.48 -25.62
C GLY A 136 14.67 7.95 -27.03
N SER A 137 14.88 7.05 -27.99
CA SER A 137 14.64 7.38 -29.39
C SER A 137 13.29 6.85 -29.85
N ALA A 138 12.29 6.90 -28.98
CA ALA A 138 10.96 6.38 -29.31
C ALA A 138 10.18 7.35 -30.20
N ALA A 139 9.09 6.86 -30.79
CA ALA A 139 8.27 7.65 -31.69
C ALA A 139 7.65 8.87 -31.02
N GLN A 140 7.16 8.70 -29.80
CA GLN A 140 6.56 9.80 -29.04
C GLN A 140 5.23 10.26 -29.63
N THR A 141 5.11 10.17 -30.96
CA THR A 141 3.90 10.55 -31.67
C THR A 141 2.77 9.54 -31.43
N ASN A 142 2.86 8.79 -30.33
CA ASN A 142 1.92 7.72 -30.04
C ASN A 142 0.68 8.19 -29.28
N SER A 143 0.27 9.44 -29.52
CA SER A 143 -0.90 10.02 -28.85
C SER A 143 -0.59 10.35 -27.39
N MET A 144 -0.37 9.32 -26.59
CA MET A 144 -0.02 9.50 -25.19
C MET A 144 1.48 9.27 -25.00
N VAL A 145 2.04 9.85 -23.95
CA VAL A 145 3.45 9.62 -23.62
C VAL A 145 3.58 9.25 -22.16
N THR A 146 4.43 8.26 -21.89
CA THR A 146 4.65 7.79 -20.53
C THR A 146 6.04 8.20 -20.06
N LEU A 147 6.09 8.87 -18.91
CA LEU A 147 7.32 9.31 -18.30
C LEU A 147 7.46 8.62 -16.95
N GLY A 148 8.59 8.77 -16.29
CA GLY A 148 8.74 8.14 -15.00
C GLY A 148 9.88 8.67 -14.14
N CYS A 149 9.96 8.12 -12.95
CA CYS A 149 11.06 8.40 -12.06
C CYS A 149 11.46 7.13 -11.36
N LEU A 150 12.76 6.92 -11.27
CA LEU A 150 13.35 5.76 -10.62
C LEU A 150 13.93 6.22 -9.30
N VAL A 151 13.45 5.59 -8.21
CA VAL A 151 13.83 5.99 -6.85
C VAL A 151 14.64 4.83 -6.27
N LYS A 152 15.95 4.92 -6.37
CA LYS A 152 16.82 3.76 -6.21
C LYS A 152 17.73 3.80 -4.99
N GLY A 153 17.80 2.67 -4.30
CA GLY A 153 18.81 2.44 -3.27
C GLY A 153 18.61 3.16 -1.95
N TYR A 154 17.40 3.13 -1.41
CA TYR A 154 17.13 3.80 -0.14
C TYR A 154 16.77 2.83 0.97
N PHE A 155 16.85 3.31 2.22
CA PHE A 155 16.44 2.53 3.37
C PHE A 155 16.25 3.49 4.54
N PRO A 156 15.21 3.28 5.35
CA PRO A 156 14.13 2.30 5.27
C PRO A 156 13.02 2.84 4.37
N GLU A 157 11.95 2.06 4.23
CA GLU A 157 10.71 2.59 3.72
C GLU A 157 10.15 3.60 4.74
N PRO A 158 9.25 4.49 4.31
CA PRO A 158 8.73 4.64 2.96
C PRO A 158 9.35 5.81 2.20
N VAL A 159 8.95 5.93 0.96
CA VAL A 159 9.11 7.16 0.21
C VAL A 159 7.73 7.57 -0.28
N THR A 160 7.59 8.84 -0.57
CA THR A 160 6.38 9.32 -1.26
C THR A 160 6.79 9.86 -2.62
N VAL A 161 5.93 9.62 -3.62
CA VAL A 161 6.12 10.16 -4.96
C VAL A 161 4.84 10.81 -5.42
N THR A 162 4.93 12.05 -5.86
CA THR A 162 3.82 12.70 -6.55
C THR A 162 4.33 13.28 -7.85
N TRP A 163 3.40 13.74 -8.67
CA TRP A 163 3.74 14.34 -9.94
C TRP A 163 3.11 15.71 -10.03
N ASN A 164 3.91 16.71 -10.38
CA ASN A 164 3.46 18.10 -10.40
C ASN A 164 2.70 18.45 -9.12
N SER A 165 3.36 18.15 -7.99
CA SER A 165 2.83 18.46 -6.66
C SER A 165 1.44 17.89 -6.42
N GLY A 166 1.12 16.78 -7.06
CA GLY A 166 -0.16 16.13 -6.86
C GLY A 166 -1.25 16.56 -7.83
N SER A 167 -0.95 17.51 -8.71
CA SER A 167 -1.91 17.95 -9.72
C SER A 167 -2.13 16.87 -10.77
N LEU A 168 -1.09 16.09 -11.06
CA LEU A 168 -1.21 14.91 -11.89
C LEU A 168 -1.37 13.67 -11.01
N SER A 169 -2.59 13.16 -10.90
CA SER A 169 -2.83 11.94 -10.14
C SER A 169 -3.41 10.85 -11.04
N SER A 170 -4.21 11.26 -12.01
CA SER A 170 -4.73 10.34 -13.00
C SER A 170 -3.57 9.84 -13.87
N GLY A 171 -3.59 8.57 -14.21
CA GLY A 171 -2.55 8.01 -15.05
C GLY A 171 -1.20 7.85 -14.36
N VAL A 172 -1.21 7.84 -13.03
CA VAL A 172 0.00 7.58 -12.25
C VAL A 172 0.00 6.15 -11.70
N HIS A 173 1.12 5.47 -11.89
CA HIS A 173 1.33 4.15 -11.28
C HIS A 173 2.64 4.16 -10.52
N THR A 174 2.55 4.01 -9.21
CA THR A 174 3.76 3.93 -8.39
C THR A 174 3.91 2.48 -7.93
N PHE A 175 5.01 1.87 -8.36
CA PHE A 175 5.26 0.44 -8.18
C PHE A 175 5.86 0.16 -6.83
N PRO A 176 5.32 -0.83 -6.14
CA PRO A 176 5.80 -1.16 -4.79
C PRO A 176 7.31 -1.38 -4.77
N ALA A 177 7.95 -0.88 -3.71
CA ALA A 177 9.39 -1.03 -3.57
C ALA A 177 9.76 -2.50 -3.41
N VAL A 178 10.91 -2.84 -3.94
CA VAL A 178 11.47 -4.17 -3.80
C VAL A 178 12.81 -4.04 -3.08
N LEU A 179 13.02 -4.94 -2.12
CA LEU A 179 14.23 -4.93 -1.30
C LEU A 179 15.32 -5.82 -1.88
N GLN A 180 16.54 -5.29 -1.92
CA GLN A 180 17.70 -6.01 -2.43
C GLN A 180 18.98 -5.51 -1.81
N SER A 181 19.78 -6.42 -1.26
CA SER A 181 21.05 -6.05 -0.69
C SER A 181 20.87 -4.89 0.29
N ASP A 182 19.83 -5.01 1.12
CA ASP A 182 19.56 -4.06 2.21
C ASP A 182 19.07 -2.69 1.73
N LEU A 183 18.67 -2.62 0.46
CA LEU A 183 18.21 -1.35 -0.11
C LEU A 183 16.95 -1.52 -0.95
N TYR A 184 16.04 -0.56 -0.83
CA TYR A 184 14.81 -0.55 -1.62
C TYR A 184 14.98 0.25 -2.90
N THR A 185 14.25 -0.18 -3.92
CA THR A 185 14.10 0.57 -5.16
C THR A 185 12.66 0.54 -5.59
N LEU A 186 12.13 1.69 -5.99
CA LEU A 186 10.84 1.71 -6.64
C LEU A 186 10.86 2.63 -7.84
N SER A 187 9.77 2.62 -8.59
CA SER A 187 9.64 3.47 -9.75
C SER A 187 8.20 3.96 -9.81
N SER A 188 7.99 5.04 -10.55
CA SER A 188 6.67 5.58 -10.72
C SER A 188 6.54 6.02 -12.17
N SER A 189 5.44 5.64 -12.81
CA SER A 189 5.15 6.11 -14.16
C SER A 189 3.98 7.08 -14.16
N VAL A 190 4.01 8.02 -15.10
CA VAL A 190 2.88 8.91 -15.34
C VAL A 190 2.66 8.98 -16.84
N THR A 191 1.40 8.97 -17.26
CA THR A 191 1.04 9.00 -18.66
C THR A 191 0.19 10.23 -18.96
N VAL A 192 0.66 11.07 -19.88
CA VAL A 192 0.01 12.33 -20.22
C VAL A 192 -0.10 12.48 -21.74
N PRO A 193 -0.99 13.38 -22.21
CA PRO A 193 -1.04 13.62 -23.66
C PRO A 193 0.27 14.22 -24.18
N SER A 194 0.71 13.77 -25.36
CA SER A 194 1.95 14.25 -25.97
C SER A 194 1.92 15.75 -26.25
N SER A 195 0.72 16.31 -26.33
CA SER A 195 0.57 17.73 -26.61
C SER A 195 0.94 18.58 -25.40
N THR A 196 1.15 17.94 -24.26
CA THR A 196 1.42 18.65 -23.01
C THR A 196 2.87 18.49 -22.52
N TRP A 197 3.61 17.57 -23.12
CA TRP A 197 5.01 17.39 -22.77
C TRP A 197 5.80 17.16 -24.05
N PRO A 198 6.96 17.82 -24.19
CA PRO A 198 7.62 18.67 -23.19
C PRO A 198 7.18 20.14 -23.16
N SER A 199 6.12 20.48 -23.89
CA SER A 199 5.71 21.88 -23.95
C SER A 199 5.34 22.42 -22.56
N GLU A 200 4.78 21.57 -21.73
CA GLU A 200 4.52 21.89 -20.32
C GLU A 200 5.47 21.04 -19.47
N THR A 201 5.76 21.49 -18.26
CA THR A 201 6.67 20.76 -17.38
C THR A 201 5.99 19.58 -16.67
N VAL A 202 6.75 18.50 -16.53
CA VAL A 202 6.34 17.36 -15.72
C VAL A 202 7.47 17.06 -14.76
N THR A 203 7.15 17.07 -13.47
CA THR A 203 8.15 16.94 -12.40
C THR A 203 7.71 15.89 -11.40
N CYS A 204 8.60 14.98 -11.02
CA CYS A 204 8.25 14.07 -9.94
C CYS A 204 8.79 14.63 -8.62
N ASN A 205 7.96 14.57 -7.59
CA ASN A 205 8.30 15.07 -6.26
C ASN A 205 8.50 13.88 -5.35
N VAL A 206 9.73 13.67 -4.88
CA VAL A 206 10.07 12.52 -4.07
C VAL A 206 10.50 12.93 -2.68
N ALA A 207 9.98 12.26 -1.68
CA ALA A 207 10.40 12.48 -0.31
C ALA A 207 10.76 11.17 0.37
N HIS A 208 11.82 11.20 1.17
CA HIS A 208 12.24 10.07 1.99
C HIS A 208 12.38 10.58 3.41
N PRO A 209 11.31 10.42 4.21
CA PRO A 209 11.32 11.05 5.54
C PRO A 209 12.50 10.64 6.43
N ALA A 210 12.94 9.39 6.34
CA ALA A 210 14.00 8.93 7.24
C ALA A 210 15.27 9.74 7.08
N SER A 211 15.54 10.22 5.86
CA SER A 211 16.73 11.02 5.58
C SER A 211 16.34 12.48 5.30
N SER A 212 15.09 12.83 5.58
CA SER A 212 14.57 14.16 5.27
C SER A 212 14.88 14.58 3.85
N THR A 213 14.93 13.63 2.93
CA THR A 213 15.22 13.97 1.54
C THR A 213 13.99 14.54 0.86
N LYS A 214 14.17 15.66 0.16
CA LYS A 214 13.15 16.24 -0.72
C LYS A 214 13.78 16.50 -2.07
N VAL A 215 13.19 15.93 -3.12
CA VAL A 215 13.71 16.01 -4.49
C VAL A 215 12.60 16.38 -5.44
N ASP A 216 12.84 17.37 -6.29
CA ASP A 216 11.92 17.63 -7.39
C ASP A 216 12.69 17.42 -8.68
N LYS A 217 12.30 16.41 -9.44
CA LYS A 217 13.03 16.05 -10.65
C LYS A 217 12.23 16.36 -11.89
N LYS A 218 12.70 17.36 -12.64
CA LYS A 218 12.05 17.72 -13.89
C LYS A 218 12.41 16.69 -14.95
N ILE A 219 11.40 16.19 -15.65
CA ILE A 219 11.63 15.28 -16.77
C ILE A 219 11.86 16.08 -18.04
N VAL A 220 13.10 16.10 -18.50
CA VAL A 220 13.44 16.90 -19.68
C VAL A 220 13.68 15.99 -20.87
N PRO A 221 13.23 16.42 -22.06
CA PRO A 221 13.45 15.54 -23.21
C PRO A 221 14.92 15.38 -23.54
N ARG A 222 15.40 14.13 -23.59
CA ARG A 222 16.76 13.80 -24.05
C ARG A 222 17.26 12.44 -23.56
N ASP B 1 -9.06 -15.59 24.82
CA ASP B 1 -8.70 -15.81 23.43
C ASP B 1 -9.94 -16.10 22.61
N ILE B 2 -10.29 -15.16 21.72
CA ILE B 2 -11.34 -15.42 20.75
C ILE B 2 -10.67 -15.45 19.39
N VAL B 3 -10.73 -16.60 18.73
CA VAL B 3 -10.09 -16.77 17.43
C VAL B 3 -11.06 -16.39 16.33
N MET B 4 -10.62 -15.52 15.43
CA MET B 4 -11.42 -15.07 14.30
C MET B 4 -10.85 -15.62 13.02
N SER B 5 -11.70 -16.23 12.20
CA SER B 5 -11.25 -16.83 10.95
C SER B 5 -12.14 -16.36 9.81
N GLN B 6 -11.53 -16.04 8.68
CA GLN B 6 -12.27 -15.60 7.50
C GLN B 6 -12.08 -16.55 6.32
N SER B 7 -13.11 -16.60 5.47
CA SER B 7 -13.08 -17.38 4.24
C SER B 7 -13.83 -16.60 3.17
N PRO B 8 -13.40 -16.69 1.92
CA PRO B 8 -12.18 -17.37 1.47
C PRO B 8 -10.95 -16.49 1.77
N SER B 9 -9.75 -16.96 1.49
CA SER B 9 -8.58 -16.10 1.62
C SER B 9 -8.60 -15.04 0.53
N SER B 10 -9.01 -15.42 -0.65
CA SER B 10 -9.09 -14.49 -1.76
C SER B 10 -10.07 -15.04 -2.79
N LEU B 11 -10.62 -14.16 -3.61
CA LEU B 11 -11.46 -14.52 -4.75
C LEU B 11 -11.55 -13.34 -5.70
N ALA B 12 -11.99 -13.58 -6.92
CA ALA B 12 -12.15 -12.54 -7.93
C ALA B 12 -13.57 -12.61 -8.45
N VAL B 13 -14.18 -11.45 -8.61
CA VAL B 13 -15.56 -11.41 -9.07
C VAL B 13 -15.67 -10.29 -10.09
N SER B 14 -16.49 -10.50 -11.11
CA SER B 14 -16.69 -9.50 -12.16
C SER B 14 -17.63 -8.40 -11.72
N ALA B 15 -17.41 -7.20 -12.24
CA ALA B 15 -18.30 -6.08 -11.91
C ALA B 15 -19.76 -6.46 -12.19
N GLY B 16 -20.65 -6.12 -11.27
CA GLY B 16 -22.07 -6.40 -11.43
C GLY B 16 -22.54 -7.65 -10.71
N GLU B 17 -21.60 -8.49 -10.30
CA GLU B 17 -21.95 -9.76 -9.69
C GLU B 17 -21.95 -9.67 -8.17
N LYS B 18 -22.44 -10.72 -7.51
CA LYS B 18 -22.53 -10.77 -6.06
C LYS B 18 -21.27 -11.37 -5.46
N VAL B 19 -20.86 -10.82 -4.32
CA VAL B 19 -19.73 -11.32 -3.55
C VAL B 19 -20.21 -11.76 -2.17
N THR B 20 -19.77 -12.93 -1.74
CA THR B 20 -20.10 -13.45 -0.43
C THR B 20 -18.83 -13.84 0.32
N MET B 21 -18.68 -13.40 1.56
CA MET B 21 -17.54 -13.82 2.36
C MET B 21 -17.93 -14.01 3.81
N SER B 22 -17.16 -14.84 4.51
CA SER B 22 -17.58 -15.39 5.78
C SER B 22 -16.59 -15.09 6.89
N CYS B 23 -17.09 -15.03 8.11
CA CYS B 23 -16.30 -14.79 9.29
C CYS B 23 -16.79 -15.68 10.41
N LYS B 24 -15.88 -16.43 11.00
CA LYS B 24 -16.22 -17.29 12.12
C LYS B 24 -15.50 -16.86 13.38
N SER B 25 -16.20 -16.91 14.52
CA SER B 25 -15.61 -16.69 15.81
C SER B 25 -15.59 -17.99 16.61
N SER B 26 -14.56 -18.19 17.42
CA SER B 26 -14.42 -19.39 18.23
C SER B 26 -15.40 -19.44 19.40
N GLN B 27 -16.01 -18.30 19.71
CA GLN B 27 -17.07 -18.27 20.70
C GLN B 27 -18.14 -17.28 20.27
N SER B 28 -19.34 -17.42 20.81
CA SER B 28 -20.43 -16.55 20.43
C SER B 28 -20.11 -15.08 20.74
N LEU B 29 -20.45 -14.22 19.80
CA LEU B 29 -20.25 -12.79 19.99
C LEU B 29 -21.54 -12.09 20.36
N LEU B 30 -22.57 -12.88 20.65
CA LEU B 30 -23.85 -12.32 21.04
C LEU B 30 -23.87 -11.91 22.51
N ASN B 31 -23.86 -10.61 22.76
CA ASN B 31 -23.87 -10.08 24.12
C ASN B 31 -25.28 -10.24 24.71
N SER B 32 -25.36 -10.92 25.85
CA SER B 32 -26.63 -11.20 26.53
C SER B 32 -27.35 -9.96 26.99
N ARG B 33 -26.58 -9.00 27.51
CA ARG B 33 -27.11 -7.78 28.09
C ARG B 33 -27.78 -6.89 27.04
N THR B 34 -27.12 -6.72 25.90
CA THR B 34 -27.64 -5.83 24.86
C THR B 34 -28.33 -6.57 23.72
N ARG B 35 -28.15 -7.88 23.67
CA ARG B 35 -28.76 -8.72 22.63
C ARG B 35 -28.26 -8.37 21.24
N LYS B 36 -26.99 -7.96 21.17
CA LYS B 36 -26.35 -7.61 19.91
C LYS B 36 -25.09 -8.41 19.75
N ASN B 37 -24.72 -8.67 18.49
CA ASN B 37 -23.45 -9.34 18.16
C ASN B 37 -22.36 -8.30 17.96
N TYR B 38 -21.28 -8.42 18.74
CA TYR B 38 -20.20 -7.43 18.69
C TYR B 38 -19.19 -7.79 17.60
N LEU B 39 -19.61 -7.56 16.35
CA LEU B 39 -18.86 -7.97 15.17
C LEU B 39 -18.95 -6.86 14.13
N ALA B 40 -17.79 -6.38 13.69
CA ALA B 40 -17.73 -5.29 12.73
C ALA B 40 -16.93 -5.70 11.51
N TRP B 41 -17.22 -5.04 10.40
CA TRP B 41 -16.51 -5.28 9.15
C TRP B 41 -15.81 -4.02 8.70
N TYR B 42 -14.57 -4.16 8.25
CA TYR B 42 -13.73 -3.07 7.76
C TYR B 42 -13.25 -3.37 6.34
N GLN B 43 -13.15 -2.33 5.54
CA GLN B 43 -12.67 -2.42 4.17
C GLN B 43 -11.34 -1.69 4.07
N GLN B 44 -10.32 -2.36 3.53
CA GLN B 44 -9.03 -1.71 3.38
C GLN B 44 -8.61 -1.76 1.92
N LYS B 45 -8.75 -0.63 1.24
CA LYS B 45 -8.41 -0.56 -0.17
C LYS B 45 -6.89 -0.43 -0.30
N PRO B 46 -6.37 -0.75 -1.49
CA PRO B 46 -4.91 -0.77 -1.61
C PRO B 46 -4.28 0.56 -1.24
N GLY B 47 -3.29 0.53 -0.36
CA GLY B 47 -2.57 1.73 0.03
C GLY B 47 -3.29 2.62 1.04
N GLN B 48 -4.47 2.21 1.50
CA GLN B 48 -5.27 3.04 2.41
C GLN B 48 -5.36 2.44 3.81
N SER B 49 -5.90 3.21 4.74
CA SER B 49 -6.21 2.70 6.07
C SER B 49 -7.51 1.96 6.01
N PRO B 50 -7.75 1.06 6.97
CA PRO B 50 -9.07 0.42 7.05
C PRO B 50 -10.19 1.45 7.27
N LYS B 51 -11.36 1.14 6.73
CA LYS B 51 -12.55 1.98 6.85
C LYS B 51 -13.71 1.15 7.38
N LEU B 52 -14.43 1.66 8.36
CA LEU B 52 -15.60 0.97 8.89
C LEU B 52 -16.73 0.83 7.87
N LEU B 53 -17.25 -0.39 7.68
CA LEU B 53 -18.42 -0.61 6.83
C LEU B 53 -19.66 -0.93 7.64
N ILE B 54 -19.56 -1.94 8.50
CA ILE B 54 -20.71 -2.53 9.19
C ILE B 54 -20.33 -2.76 10.65
N TYR B 55 -21.25 -2.55 11.57
CA TYR B 55 -21.01 -2.90 12.97
C TYR B 55 -22.26 -3.50 13.61
N TRP B 56 -22.11 -4.08 14.78
CA TRP B 56 -23.20 -4.85 15.39
C TRP B 56 -23.77 -5.86 14.39
N ALA B 57 -22.85 -6.46 13.64
CA ALA B 57 -23.13 -7.47 12.61
C ALA B 57 -23.88 -6.99 11.36
N SER B 58 -24.87 -6.13 11.54
CA SER B 58 -25.74 -5.78 10.42
C SER B 58 -26.03 -4.30 10.25
N THR B 59 -25.49 -3.46 11.12
CA THR B 59 -25.71 -2.02 10.97
C THR B 59 -24.72 -1.39 9.99
N ARG B 60 -25.23 -0.86 8.90
CA ARG B 60 -24.41 -0.23 7.87
C ARG B 60 -24.09 1.20 8.27
N GLU B 61 -22.81 1.55 8.36
CA GLU B 61 -22.43 2.89 8.76
C GLU B 61 -22.91 3.93 7.73
N SER B 62 -23.23 5.13 8.20
CA SER B 62 -23.63 6.20 7.29
C SER B 62 -22.57 6.44 6.24
N GLY B 63 -22.99 6.59 4.99
CA GLY B 63 -22.07 6.86 3.91
C GLY B 63 -21.60 5.62 3.18
N VAL B 64 -21.82 4.46 3.77
CA VAL B 64 -21.45 3.21 3.11
C VAL B 64 -22.54 2.84 2.11
N PRO B 65 -22.14 2.49 0.87
CA PRO B 65 -23.15 2.10 -0.12
C PRO B 65 -24.03 0.94 0.33
N ASP B 66 -25.31 0.98 -0.03
CA ASP B 66 -26.24 -0.04 0.42
C ASP B 66 -26.00 -1.41 -0.21
N ARG B 67 -25.09 -1.50 -1.17
CA ARG B 67 -24.75 -2.80 -1.76
C ARG B 67 -24.02 -3.70 -0.76
N PHE B 68 -23.53 -3.10 0.33
CA PHE B 68 -22.85 -3.84 1.39
C PHE B 68 -23.83 -4.21 2.49
N THR B 69 -23.98 -5.50 2.76
CA THR B 69 -24.86 -5.98 3.82
C THR B 69 -24.18 -7.00 4.72
N GLY B 70 -24.22 -6.72 6.02
CA GLY B 70 -23.73 -7.65 7.02
C GLY B 70 -24.86 -8.49 7.59
N SER B 71 -24.58 -9.77 7.83
CA SER B 71 -25.59 -10.66 8.39
C SER B 71 -24.93 -11.72 9.27
N GLY B 72 -25.75 -12.53 9.93
CA GLY B 72 -25.26 -13.58 10.80
C GLY B 72 -25.44 -13.30 12.27
N SER B 73 -25.00 -14.24 13.09
CA SER B 73 -25.18 -14.16 14.54
C SER B 73 -24.38 -15.25 15.23
N GLY B 74 -24.07 -15.02 16.50
CA GLY B 74 -23.39 -15.99 17.33
C GLY B 74 -21.95 -16.18 16.92
N THR B 75 -21.68 -17.27 16.20
CA THR B 75 -20.33 -17.60 15.78
C THR B 75 -20.07 -17.44 14.27
N ASP B 76 -21.10 -17.14 13.50
CA ASP B 76 -20.96 -17.09 12.05
C ASP B 76 -21.58 -15.85 11.42
N PHE B 77 -20.77 -15.15 10.62
CA PHE B 77 -21.16 -13.87 10.06
C PHE B 77 -20.80 -13.83 8.59
N THR B 78 -21.53 -13.02 7.84
CA THR B 78 -21.37 -12.91 6.40
C THR B 78 -21.40 -11.44 5.97
N LEU B 79 -20.50 -11.09 5.05
CA LEU B 79 -20.57 -9.81 4.37
C LEU B 79 -20.91 -10.12 2.92
N THR B 80 -21.97 -9.50 2.42
CA THR B 80 -22.41 -9.71 1.04
C THR B 80 -22.36 -8.39 0.32
N ILE B 81 -21.75 -8.38 -0.86
CA ILE B 81 -21.73 -7.21 -1.70
C ILE B 81 -22.51 -7.54 -2.93
N THR B 82 -23.61 -6.83 -3.16
CA THR B 82 -24.36 -7.01 -4.40
C THR B 82 -23.86 -6.02 -5.46
N SER B 83 -24.02 -6.38 -6.73
CA SER B 83 -23.62 -5.51 -7.83
C SER B 83 -22.26 -4.89 -7.59
N VAL B 84 -21.23 -5.74 -7.41
CA VAL B 84 -19.90 -5.24 -7.06
C VAL B 84 -19.37 -4.24 -8.08
N GLN B 85 -18.65 -3.24 -7.61
CA GLN B 85 -18.05 -2.24 -8.48
C GLN B 85 -16.55 -2.37 -8.44
N ALA B 86 -15.91 -1.86 -9.48
CA ALA B 86 -14.46 -1.85 -9.59
C ALA B 86 -13.78 -1.29 -8.32
N GLU B 87 -14.38 -0.25 -7.73
CA GLU B 87 -13.78 0.40 -6.57
C GLU B 87 -13.84 -0.44 -5.30
N ASP B 88 -14.56 -1.56 -5.34
CA ASP B 88 -14.70 -2.41 -4.16
C ASP B 88 -13.49 -3.32 -3.93
N LEU B 89 -12.55 -3.30 -4.86
CA LEU B 89 -11.28 -3.99 -4.69
C LEU B 89 -10.67 -3.62 -3.33
N ALA B 90 -10.42 -4.61 -2.48
CA ALA B 90 -9.98 -4.33 -1.10
C ALA B 90 -9.73 -5.64 -0.38
N VAL B 91 -9.09 -5.54 0.78
CA VAL B 91 -9.10 -6.62 1.76
C VAL B 91 -10.17 -6.28 2.82
N TYR B 92 -11.03 -7.23 3.12
CA TYR B 92 -12.12 -7.05 4.07
C TYR B 92 -11.81 -7.81 5.34
N TYR B 93 -11.91 -7.13 6.48
CA TYR B 93 -11.60 -7.72 7.77
C TYR B 93 -12.82 -7.71 8.65
N CYS B 94 -13.07 -8.80 9.36
CA CYS B 94 -14.02 -8.75 10.46
C CYS B 94 -13.28 -8.56 11.77
N LYS B 95 -13.99 -8.13 12.80
CA LYS B 95 -13.38 -7.82 14.08
C LYS B 95 -14.41 -8.00 15.20
N GLN B 96 -14.07 -8.79 16.22
CA GLN B 96 -14.92 -8.93 17.41
C GLN B 96 -14.53 -7.90 18.45
N SER B 97 -15.51 -7.43 19.21
CA SER B 97 -15.25 -6.52 20.32
C SER B 97 -16.02 -6.97 21.57
N TYR B 98 -16.35 -8.25 21.60
CA TYR B 98 -17.00 -8.86 22.75
C TYR B 98 -16.08 -8.95 23.97
N ASN B 99 -14.81 -9.26 23.73
CA ASN B 99 -13.79 -9.35 24.78
C ASN B 99 -12.50 -8.77 24.21
N LEU B 100 -12.15 -7.57 24.65
CA LEU B 100 -11.10 -6.80 23.99
C LEU B 100 -11.44 -6.74 22.50
N ARG B 101 -10.44 -6.82 21.62
CA ARG B 101 -10.73 -6.85 20.17
C ARG B 101 -9.78 -7.81 19.50
N THR B 102 -10.27 -8.46 18.44
CA THR B 102 -9.47 -9.37 17.62
C THR B 102 -9.96 -9.30 16.18
N PHE B 103 -9.03 -9.17 15.23
CA PHE B 103 -9.35 -9.17 13.81
C PHE B 103 -9.22 -10.55 13.19
N GLY B 104 -10.06 -10.82 12.20
CA GLY B 104 -9.86 -11.96 11.32
C GLY B 104 -8.68 -11.70 10.41
N GLY B 105 -8.31 -12.70 9.62
CA GLY B 105 -7.13 -12.60 8.77
C GLY B 105 -7.35 -11.94 7.43
N GLY B 106 -8.58 -11.58 7.15
CA GLY B 106 -8.92 -10.88 5.93
C GLY B 106 -9.32 -11.75 4.75
N THR B 107 -10.16 -11.18 3.89
CA THR B 107 -10.50 -11.76 2.60
C THR B 107 -10.12 -10.76 1.52
N LYS B 108 -9.25 -11.16 0.60
CA LYS B 108 -8.83 -10.26 -0.48
C LYS B 108 -9.79 -10.39 -1.65
N LEU B 109 -10.48 -9.31 -1.99
CA LEU B 109 -11.35 -9.27 -3.16
C LEU B 109 -10.66 -8.65 -4.36
N GLU B 110 -10.49 -9.46 -5.41
CA GLU B 110 -9.99 -8.99 -6.70
C GLU B 110 -11.19 -8.81 -7.64
N ILE B 111 -11.03 -7.97 -8.66
CA ILE B 111 -12.09 -7.77 -9.64
C ILE B 111 -11.70 -8.42 -10.96
N LYS B 112 -12.53 -9.35 -11.43
CA LYS B 112 -12.29 -9.96 -12.73
C LYS B 112 -12.80 -9.02 -13.82
N ARG B 113 -12.04 -8.92 -14.91
CA ARG B 113 -12.43 -8.11 -16.05
C ARG B 113 -11.95 -8.78 -17.34
N ALA B 114 -12.28 -8.18 -18.48
CA ALA B 114 -11.87 -8.71 -19.77
C ALA B 114 -10.35 -8.64 -19.90
N ASP B 115 -9.76 -9.62 -20.57
CA ASP B 115 -8.33 -9.58 -20.86
C ASP B 115 -7.97 -8.28 -21.57
N ALA B 116 -6.83 -7.72 -21.21
CA ALA B 116 -6.34 -6.48 -21.81
C ALA B 116 -4.83 -6.58 -22.00
N ALA B 117 -4.35 -6.15 -23.17
CA ALA B 117 -2.91 -6.20 -23.47
C ALA B 117 -2.17 -5.04 -22.80
N PRO B 118 -0.90 -5.26 -22.45
CA PRO B 118 -0.14 -4.19 -21.81
C PRO B 118 0.31 -3.16 -22.82
N THR B 119 0.52 -1.95 -22.34
CA THR B 119 1.23 -0.92 -23.08
C THR B 119 2.64 -0.87 -22.53
N VAL B 120 3.62 -1.09 -23.40
CA VAL B 120 5.02 -1.25 -22.99
C VAL B 120 5.84 -0.03 -23.37
N SER B 121 6.64 0.44 -22.43
CA SER B 121 7.57 1.54 -22.69
C SER B 121 8.93 1.24 -22.06
N ILE B 122 9.98 1.62 -22.77
CA ILE B 122 11.34 1.38 -22.30
C ILE B 122 12.11 2.70 -22.11
N PHE B 123 13.00 2.70 -21.12
CA PHE B 123 13.74 3.91 -20.76
C PHE B 123 15.20 3.59 -20.56
N PRO B 124 16.08 4.32 -21.25
CA PRO B 124 17.51 4.14 -21.04
C PRO B 124 17.96 4.77 -19.73
N PRO B 125 19.14 4.37 -19.25
CA PRO B 125 19.76 4.98 -18.07
C PRO B 125 19.92 6.48 -18.27
N SER B 126 19.72 7.24 -17.20
CA SER B 126 19.94 8.68 -17.22
C SER B 126 21.41 9.03 -17.12
N SER B 127 21.79 10.18 -17.65
CA SER B 127 23.16 10.63 -17.52
C SER B 127 23.54 10.83 -16.06
N GLU B 128 22.59 11.23 -15.21
CA GLU B 128 22.87 11.40 -13.79
C GLU B 128 23.15 10.10 -13.05
N GLN B 129 22.69 8.96 -13.59
CA GLN B 129 23.03 7.69 -12.98
C GLN B 129 24.35 7.20 -13.56
N LEU B 130 24.51 7.34 -14.87
CA LEU B 130 25.72 6.88 -15.53
C LEU B 130 26.95 7.55 -14.93
N THR B 131 26.83 8.82 -14.56
CA THR B 131 27.96 9.56 -13.97
C THR B 131 28.52 8.87 -12.72
N SER B 132 27.67 8.14 -12.00
CA SER B 132 28.07 7.49 -10.76
C SER B 132 28.47 6.03 -10.96
N GLY B 133 28.41 5.55 -12.20
CA GLY B 133 28.90 4.23 -12.53
C GLY B 133 27.87 3.15 -12.68
N GLY B 134 26.59 3.52 -12.62
CA GLY B 134 25.53 2.54 -12.74
C GLY B 134 24.67 2.79 -13.95
N ALA B 135 23.95 1.75 -14.38
CA ALA B 135 23.08 1.86 -15.54
C ALA B 135 21.82 0.99 -15.37
N SER B 136 20.72 1.62 -15.00
CA SER B 136 19.44 0.90 -14.88
C SER B 136 18.60 1.16 -16.10
N VAL B 137 18.13 0.08 -16.72
CA VAL B 137 17.21 0.18 -17.83
C VAL B 137 15.84 -0.21 -17.30
N VAL B 138 14.81 0.57 -17.63
CA VAL B 138 13.48 0.37 -17.06
C VAL B 138 12.44 0.09 -18.14
N CYS B 139 11.59 -0.89 -17.88
CA CYS B 139 10.46 -1.17 -18.74
C CYS B 139 9.18 -1.10 -17.93
N PHE B 140 8.20 -0.32 -18.41
CA PHE B 140 6.87 -0.30 -17.80
C PHE B 140 5.91 -1.10 -18.66
N LEU B 141 5.13 -1.97 -18.04
CA LEU B 141 4.09 -2.72 -18.72
C LEU B 141 2.79 -2.27 -18.06
N ASN B 142 2.02 -1.42 -18.73
CA ASN B 142 0.90 -0.76 -18.06
C ASN B 142 -0.47 -1.22 -18.52
N ASN B 143 -1.39 -1.35 -17.56
CA ASN B 143 -2.81 -1.52 -17.84
C ASN B 143 -3.19 -2.82 -18.56
N PHE B 144 -2.76 -3.94 -18.00
CA PHE B 144 -3.06 -5.26 -18.56
C PHE B 144 -3.88 -6.13 -17.60
N TYR B 145 -4.48 -7.19 -18.15
CA TYR B 145 -5.22 -8.18 -17.37
C TYR B 145 -5.28 -9.47 -18.17
N PRO B 146 -5.06 -10.62 -17.54
CA PRO B 146 -4.82 -10.86 -16.11
C PRO B 146 -3.38 -10.54 -15.69
N LYS B 147 -3.08 -10.76 -14.41
CA LYS B 147 -1.81 -10.36 -13.81
C LYS B 147 -0.60 -11.11 -14.34
N ASP B 148 -0.80 -12.35 -14.74
CA ASP B 148 0.32 -13.16 -15.22
C ASP B 148 0.90 -12.56 -16.49
N ILE B 149 2.21 -12.35 -16.49
CA ILE B 149 2.87 -11.79 -17.65
C ILE B 149 4.34 -12.18 -17.61
N ASN B 150 4.93 -12.33 -18.79
CA ASN B 150 6.34 -12.66 -18.87
C ASN B 150 7.13 -11.50 -19.48
N VAL B 151 8.24 -11.16 -18.86
CA VAL B 151 9.15 -10.17 -19.43
C VAL B 151 10.52 -10.78 -19.64
N LYS B 152 11.06 -10.62 -20.84
CA LYS B 152 12.44 -11.00 -21.12
C LYS B 152 13.26 -9.80 -21.54
N TRP B 153 14.48 -9.74 -21.03
CA TRP B 153 15.45 -8.74 -21.48
C TRP B 153 16.43 -9.34 -22.47
N LYS B 154 16.68 -8.63 -23.56
CA LYS B 154 17.70 -9.08 -24.51
C LYS B 154 18.69 -7.95 -24.73
N ILE B 155 19.97 -8.30 -24.74
CA ILE B 155 21.05 -7.35 -24.91
C ILE B 155 21.83 -7.83 -26.12
N ASP B 156 21.88 -6.99 -27.15
CA ASP B 156 22.47 -7.38 -28.42
C ASP B 156 21.91 -8.73 -28.87
N GLY B 157 20.62 -8.92 -28.61
CA GLY B 157 19.91 -10.07 -29.14
C GLY B 157 19.94 -11.31 -28.28
N SER B 158 20.70 -11.28 -27.18
CA SER B 158 20.81 -12.42 -26.28
C SER B 158 20.08 -12.18 -24.96
N GLU B 159 19.29 -13.16 -24.53
CA GLU B 159 18.55 -13.02 -23.28
C GLU B 159 19.48 -12.88 -22.08
N ARG B 160 19.10 -11.99 -21.16
CA ARG B 160 19.82 -11.81 -19.91
C ARG B 160 18.81 -11.87 -18.77
N GLN B 161 19.06 -12.72 -17.78
CA GLN B 161 18.13 -12.88 -16.66
C GLN B 161 18.64 -12.27 -15.36
N ASN B 162 19.95 -12.17 -15.22
CA ASN B 162 20.53 -11.64 -14.00
C ASN B 162 20.44 -10.12 -13.91
N GLY B 163 20.17 -9.62 -12.71
CA GLY B 163 20.10 -8.19 -12.47
C GLY B 163 18.74 -7.61 -12.80
N VAL B 164 17.74 -8.48 -12.93
CA VAL B 164 16.39 -8.04 -13.26
C VAL B 164 15.46 -8.19 -12.09
N LEU B 165 14.71 -7.11 -11.82
CA LEU B 165 13.69 -7.11 -10.78
C LEU B 165 12.37 -6.54 -11.24
N ASN B 166 11.32 -7.20 -10.79
CA ASN B 166 9.99 -6.90 -11.25
C ASN B 166 9.14 -6.49 -10.06
N SER B 167 8.19 -5.62 -10.33
CA SER B 167 7.25 -5.21 -9.29
C SER B 167 5.90 -4.93 -9.93
N TRP B 168 4.86 -5.58 -9.40
CA TRP B 168 3.49 -5.37 -9.86
C TRP B 168 2.76 -4.40 -8.94
N THR B 169 1.95 -3.53 -9.54
CA THR B 169 1.02 -2.74 -8.76
C THR B 169 -0.12 -3.59 -8.25
N ASP B 170 -0.84 -3.07 -7.26
CA ASP B 170 -2.13 -3.64 -6.92
C ASP B 170 -3.04 -3.36 -8.10
N GLN B 171 -4.14 -4.08 -8.17
CA GLN B 171 -5.13 -3.84 -9.19
C GLN B 171 -5.62 -2.40 -9.12
N ASP B 172 -5.93 -1.82 -10.29
CA ASP B 172 -6.42 -0.44 -10.34
C ASP B 172 -7.89 -0.38 -9.92
N SER B 173 -8.23 0.62 -9.11
CA SER B 173 -9.58 0.73 -8.54
C SER B 173 -10.61 1.25 -9.54
N LYS B 174 -10.12 1.74 -10.68
CA LYS B 174 -11.00 2.30 -11.71
C LYS B 174 -11.20 1.34 -12.88
N ASP B 175 -10.10 0.83 -13.44
CA ASP B 175 -10.20 -0.01 -14.65
C ASP B 175 -9.87 -1.48 -14.40
N SER B 176 -9.55 -1.83 -13.16
CA SER B 176 -9.30 -3.22 -12.76
C SER B 176 -8.11 -3.87 -13.45
N THR B 177 -7.21 -3.08 -14.01
CA THR B 177 -6.00 -3.64 -14.62
C THR B 177 -4.83 -3.64 -13.65
N TYR B 178 -3.78 -4.35 -14.04
CA TYR B 178 -2.50 -4.32 -13.34
C TYR B 178 -1.48 -3.58 -14.18
N SER B 179 -0.42 -3.14 -13.53
CA SER B 179 0.77 -2.69 -14.24
C SER B 179 1.98 -3.34 -13.57
N MET B 180 3.10 -3.39 -14.28
CA MET B 180 4.32 -3.97 -13.74
C MET B 180 5.51 -3.18 -14.24
N SER B 181 6.52 -3.07 -13.40
CA SER B 181 7.78 -2.49 -13.82
C SER B 181 8.83 -3.56 -13.83
N SER B 182 9.74 -3.50 -14.81
CA SER B 182 10.88 -4.40 -14.83
C SER B 182 12.14 -3.56 -15.01
N THR B 183 13.10 -3.74 -14.11
CA THR B 183 14.29 -2.92 -14.09
C THR B 183 15.52 -3.82 -14.15
N LEU B 184 16.32 -3.60 -15.20
CA LEU B 184 17.57 -4.31 -15.41
C LEU B 184 18.71 -3.39 -15.00
N THR B 185 19.49 -3.81 -14.01
CA THR B 185 20.58 -2.96 -13.58
C THR B 185 21.93 -3.58 -13.95
N LEU B 186 22.75 -2.76 -14.61
CA LEU B 186 24.09 -3.13 -15.06
C LEU B 186 25.09 -2.14 -14.51
N THR B 187 26.37 -2.48 -14.56
CA THR B 187 27.41 -1.47 -14.36
C THR B 187 27.58 -0.64 -15.64
N LYS B 188 28.11 0.56 -15.50
CA LYS B 188 28.35 1.39 -16.67
C LYS B 188 29.31 0.69 -17.63
N ASP B 189 30.37 0.10 -17.07
CA ASP B 189 31.37 -0.58 -17.89
C ASP B 189 30.74 -1.68 -18.73
N GLU B 190 29.81 -2.44 -18.16
CA GLU B 190 29.16 -3.50 -18.94
C GLU B 190 28.12 -2.92 -19.91
N TYR B 191 27.38 -1.91 -19.46
CA TYR B 191 26.41 -1.23 -20.32
C TYR B 191 27.07 -0.75 -21.60
N GLU B 192 28.29 -0.21 -21.47
CA GLU B 192 28.99 0.34 -22.63
C GLU B 192 29.60 -0.69 -23.60
N ARG B 193 29.45 -1.97 -23.29
CA ARG B 193 29.96 -3.04 -24.16
C ARG B 193 28.94 -3.53 -25.18
N HIS B 194 27.71 -3.04 -25.08
CA HIS B 194 26.63 -3.55 -25.91
C HIS B 194 25.79 -2.41 -26.43
N ASN B 195 25.05 -2.65 -27.50
CA ASN B 195 24.31 -1.58 -28.14
C ASN B 195 22.79 -1.65 -27.99
N SER B 196 22.22 -2.81 -28.30
CA SER B 196 20.77 -3.00 -28.30
C SER B 196 20.25 -3.51 -26.96
N TYR B 197 19.25 -2.80 -26.42
CA TYR B 197 18.59 -3.17 -25.17
C TYR B 197 17.11 -3.31 -25.40
N THR B 198 16.59 -4.51 -25.12
CA THR B 198 15.22 -4.84 -25.49
C THR B 198 14.47 -5.47 -24.33
N CYS B 199 13.25 -5.01 -24.13
CA CYS B 199 12.33 -5.67 -23.21
C CYS B 199 11.18 -6.27 -24.02
N GLU B 200 10.88 -7.54 -23.76
CA GLU B 200 9.86 -8.26 -24.51
C GLU B 200 8.79 -8.80 -23.58
N ALA B 201 7.55 -8.36 -23.79
CA ALA B 201 6.45 -8.78 -22.93
C ALA B 201 5.56 -9.79 -23.65
N THR B 202 5.38 -10.95 -23.02
CA THR B 202 4.45 -11.94 -23.55
C THR B 202 3.29 -12.10 -22.58
N HIS B 203 2.09 -11.90 -23.11
CA HIS B 203 0.87 -11.90 -22.32
C HIS B 203 -0.18 -12.69 -23.10
N LYS B 204 -1.14 -13.32 -22.41
CA LYS B 204 -2.07 -14.24 -23.08
C LYS B 204 -2.88 -13.54 -24.16
N THR B 205 -2.89 -12.21 -24.14
CA THR B 205 -3.68 -11.45 -25.11
C THR B 205 -3.14 -11.51 -26.54
N SER B 206 -1.92 -11.97 -26.71
CA SER B 206 -1.37 -12.17 -28.06
C SER B 206 -0.28 -13.23 -28.10
N THR B 207 -0.23 -14.00 -29.18
CA THR B 207 0.89 -14.92 -29.37
C THR B 207 2.15 -14.13 -29.77
N SER B 208 1.98 -12.87 -30.12
CA SER B 208 3.10 -11.99 -30.47
C SER B 208 3.56 -11.22 -29.23
N PRO B 209 4.84 -11.37 -28.88
CA PRO B 209 5.35 -10.55 -27.78
C PRO B 209 5.37 -9.09 -28.19
N ILE B 210 5.19 -8.21 -27.22
CA ILE B 210 5.35 -6.79 -27.44
C ILE B 210 6.80 -6.48 -27.14
N VAL B 211 7.46 -5.92 -28.15
CA VAL B 211 8.90 -5.68 -28.12
C VAL B 211 9.19 -4.18 -28.14
N LYS B 212 9.88 -3.69 -27.11
CA LYS B 212 10.38 -2.32 -27.12
C LYS B 212 11.88 -2.34 -26.91
N SER B 213 12.58 -1.47 -27.63
CA SER B 213 14.03 -1.51 -27.67
C SER B 213 14.59 -0.10 -27.82
N PHE B 214 15.83 0.07 -27.41
CA PHE B 214 16.59 1.26 -27.81
C PHE B 214 18.03 0.82 -28.08
N ASN B 215 18.74 1.62 -28.85
CA ASN B 215 20.15 1.38 -29.14
C ASN B 215 20.99 2.49 -28.55
N ARG B 216 22.04 2.12 -27.83
CA ARG B 216 22.92 3.11 -27.21
C ARG B 216 23.47 4.16 -28.16
N ASN B 217 23.76 3.75 -29.41
CA ASN B 217 24.34 4.68 -30.38
C ASN B 217 23.37 5.79 -30.79
N GLU B 218 22.10 5.59 -30.50
CA GLU B 218 21.07 6.53 -30.92
C GLU B 218 20.72 7.50 -29.81
N CYS B 219 21.37 7.35 -28.66
CA CYS B 219 21.04 8.17 -27.51
C CYS B 219 21.61 9.57 -27.70
C1 KDA C . -21.72 0.82 31.46
O1B KDA C . -20.88 1.58 32.00
O1A KDA C . -22.95 0.95 31.70
C2 KDA C . -21.24 -0.26 30.56
C3 KDA C . -21.56 0.03 29.12
C4 KDA C . -20.86 -0.92 28.18
O4 KDA C . -21.12 -0.51 26.86
C5 KDA C . -19.41 -1.03 28.44
O5 KDA C . -18.80 0.19 28.14
C6 KDA C . -19.17 -1.42 29.87
O6 KDA C . -19.81 -0.44 30.80
C7 KDA C . -17.72 -1.58 30.31
O7 KDA C . -17.07 -0.38 30.31
C8 KDA C . -16.99 -2.57 29.45
O8 KDA C . -16.71 -2.15 28.16
O2 KDA C . -21.83 -1.45 30.95
C9 KDA C . -21.50 -1.95 32.21
C10 KDA C . -21.96 -3.33 32.59
C11 KDA C . -21.16 -4.11 33.38
C1 KDO C . -14.45 -2.90 28.37
O1A KDO C . -13.76 -3.90 28.64
O1B KDO C . -14.06 -1.74 28.69
C2 KDO C . -15.73 -3.02 27.63
C3 KDO C . -15.49 -2.51 26.24
C4 KDO C . -16.62 -2.84 25.32
O4 KDO C . -16.27 -2.52 23.99
C5 KDO C . -17.04 -4.23 25.38
O5 KDO C . -16.01 -5.09 24.94
C6 KDO C . -17.37 -4.56 26.81
O6 KDO C . -16.16 -4.39 27.65
C7 KDO C . -17.95 -5.94 27.04
O7 KDO C . -19.11 -6.09 26.31
C8 KDO C . -18.28 -6.11 28.50
O8 KDO C . -19.20 -5.23 29.03
MG MG D . -3.56 1.97 -14.64
ZN ZN E . -8.39 -4.24 33.33
#